data_6UN9
#
_entry.id   6UN9
#
_cell.length_a   70.609
_cell.length_b   70.609
_cell.length_c   504.039
_cell.angle_alpha   90.000
_cell.angle_beta   90.000
_cell.angle_gamma   120.000
#
_symmetry.space_group_name_H-M   'P 65 2 2'
#
loop_
_entity.id
_entity.type
_entity.pdbx_description
1 polymer 'Uncharacterized protein'
2 water water
#
_entity_poly.entity_id   1
_entity_poly.type   'polypeptide(L)'
_entity_poly.pdbx_seq_one_letter_code
;(MSE)GHHHHHHSH(MSE)KGNIQQQIQLKSELASAEAK(MSE)EEQKQQLERHFEQSANLLEN(MSE)AEDYKKLYTHF
AQNSEQLLPESNQVEFFKRLKNHANGDEDNQPRDYSDGSSGLLKS
;
_entity_poly.pdbx_strand_id   A,B,C,D
#
# COMPACT_ATOMS: atom_id res chain seq x y z
N LYS A 12 -30.97 -21.53 42.99
CA LYS A 12 -29.99 -20.68 43.65
C LYS A 12 -29.63 -21.20 45.04
N GLY A 13 -28.46 -20.81 45.54
CA GLY A 13 -27.99 -21.27 46.84
C GLY A 13 -26.50 -21.06 47.01
N ASN A 14 -25.80 -22.05 47.60
CA ASN A 14 -24.37 -21.96 47.76
C ASN A 14 -23.60 -23.08 47.07
N ILE A 15 -24.21 -24.23 46.82
CA ILE A 15 -23.60 -25.22 45.94
C ILE A 15 -23.91 -24.93 44.47
N GLN A 16 -25.13 -24.47 44.20
CA GLN A 16 -25.50 -24.02 42.85
C GLN A 16 -24.68 -22.82 42.42
N GLN A 17 -24.60 -21.78 43.27
CA GLN A 17 -23.79 -20.62 42.91
C GLN A 17 -22.32 -20.97 42.81
N GLN A 18 -21.88 -22.06 43.43
CA GLN A 18 -20.49 -22.47 43.26
C GLN A 18 -20.28 -23.15 41.89
N ILE A 19 -20.99 -24.24 41.57
CA ILE A 19 -20.75 -24.93 40.30
C ILE A 19 -20.88 -24.02 39.08
N GLN A 20 -21.39 -22.80 39.27
CA GLN A 20 -21.55 -21.91 38.13
C GLN A 20 -20.32 -21.00 37.97
N LEU A 21 -19.91 -20.36 39.06
CA LEU A 21 -18.57 -19.79 39.12
C LEU A 21 -17.56 -20.75 38.54
N LYS A 22 -17.61 -22.03 38.92
CA LYS A 22 -16.68 -22.99 38.32
C LYS A 22 -16.83 -23.03 36.81
N SER A 23 -18.03 -22.80 36.29
CA SER A 23 -18.19 -22.88 34.84
C SER A 23 -17.80 -21.56 34.17
N GLU A 24 -18.20 -20.43 34.75
CA GLU A 24 -17.86 -19.19 34.09
C GLU A 24 -16.42 -18.75 34.33
N LEU A 25 -15.70 -19.36 35.28
CA LEU A 25 -14.25 -19.15 35.31
C LEU A 25 -13.55 -19.98 34.24
N ALA A 26 -14.02 -21.20 34.00
CA ALA A 26 -13.47 -21.99 32.91
C ALA A 26 -13.85 -21.39 31.55
N SER A 27 -15.09 -20.91 31.43
CA SER A 27 -15.54 -20.30 30.19
C SER A 27 -14.83 -18.99 29.92
N ALA A 28 -14.46 -18.27 30.97
CA ALA A 28 -13.62 -17.09 30.77
C ALA A 28 -12.18 -17.47 30.45
N GLU A 29 -11.67 -18.55 31.05
CA GLU A 29 -10.29 -18.90 30.73
C GLU A 29 -10.18 -19.48 29.32
N ALA A 30 -11.18 -20.26 28.89
CA ALA A 30 -11.20 -20.75 27.52
C ALA A 30 -11.38 -19.61 26.52
N LYS A 31 -12.19 -18.63 26.89
CA LYS A 31 -12.44 -17.51 25.98
C LYS A 31 -11.14 -16.72 25.77
N GLU A 33 -7.99 -17.60 25.96
CA GLU A 33 -6.95 -18.38 25.25
C GLU A 33 -7.36 -18.46 23.78
N GLU A 34 -8.66 -18.59 23.53
CA GLU A 34 -9.13 -18.43 22.16
C GLU A 34 -8.70 -17.08 21.61
N GLN A 35 -9.11 -16.01 22.29
CA GLN A 35 -8.72 -14.65 21.96
C GLN A 35 -7.20 -14.48 21.81
N LYS A 36 -6.40 -15.34 22.44
CA LYS A 36 -4.95 -15.19 22.39
C LYS A 36 -4.38 -15.82 21.14
N GLN A 37 -4.86 -16.98 20.74
CA GLN A 37 -4.36 -17.61 19.53
C GLN A 37 -5.15 -17.19 18.28
N GLN A 38 -6.01 -16.17 18.39
CA GLN A 38 -6.49 -15.51 17.19
C GLN A 38 -6.02 -14.06 17.12
N LEU A 39 -5.24 -13.62 18.12
CA LEU A 39 -4.36 -12.48 17.92
C LEU A 39 -3.06 -12.94 17.24
N GLU A 40 -2.46 -14.02 17.77
CA GLU A 40 -1.29 -14.60 17.13
C GLU A 40 -1.55 -14.92 15.67
N ARG A 41 -2.80 -15.25 15.32
CA ARG A 41 -3.15 -15.49 13.92
C ARG A 41 -3.21 -14.18 13.15
N HIS A 42 -3.66 -13.11 13.80
CA HIS A 42 -3.90 -11.87 13.10
C HIS A 42 -2.61 -11.13 12.78
N PHE A 43 -1.70 -11.03 13.74
CA PHE A 43 -0.40 -10.43 13.48
C PHE A 43 0.52 -11.32 12.66
N GLU A 44 0.18 -12.58 12.44
CA GLU A 44 1.03 -13.33 11.54
C GLU A 44 0.53 -13.23 10.10
N GLN A 45 -0.79 -13.28 9.91
CA GLN A 45 -1.38 -13.05 8.60
C GLN A 45 -1.42 -11.57 8.24
N SER A 46 -1.07 -10.68 9.17
CA SER A 46 -0.92 -9.27 8.84
C SER A 46 0.51 -8.97 8.39
N ALA A 47 1.49 -9.47 9.15
CA ALA A 47 2.89 -9.37 8.74
C ALA A 47 3.12 -9.93 7.35
N ASN A 48 2.28 -10.89 6.93
CA ASN A 48 2.42 -11.44 5.59
C ASN A 48 1.90 -10.48 4.54
N LEU A 49 0.65 -10.02 4.70
CA LEU A 49 0.08 -9.15 3.70
C LEU A 49 0.80 -7.81 3.64
N LEU A 50 1.44 -7.40 4.74
CA LEU A 50 2.12 -6.11 4.77
C LEU A 50 3.45 -6.15 4.03
N GLU A 51 4.16 -7.27 4.10
CA GLU A 51 5.39 -7.39 3.35
C GLU A 51 5.11 -7.50 1.86
N ASN A 52 4.12 -8.33 1.49
CA ASN A 52 3.47 -8.20 0.19
C ASN A 52 3.34 -6.75 -0.27
N ALA A 54 4.92 -4.17 0.73
CA ALA A 54 6.25 -3.58 0.63
C ALA A 54 7.00 -4.06 -0.62
N GLU A 55 7.01 -5.37 -0.86
CA GLU A 55 7.67 -5.87 -2.05
C GLU A 55 6.96 -5.46 -3.33
N ASP A 56 5.73 -4.94 -3.26
CA ASP A 56 5.08 -4.42 -4.45
C ASP A 56 5.35 -2.94 -4.63
N TYR A 57 5.49 -2.22 -3.53
CA TYR A 57 6.06 -0.88 -3.58
C TYR A 57 7.45 -0.91 -4.23
N LYS A 58 8.35 -1.75 -3.71
CA LYS A 58 9.69 -1.83 -4.27
C LYS A 58 9.69 -2.26 -5.73
N LYS A 59 8.60 -2.85 -6.21
CA LYS A 59 8.43 -2.98 -7.65
C LYS A 59 8.09 -1.64 -8.27
N LEU A 60 7.00 -1.02 -7.83
CA LEU A 60 6.55 0.26 -8.37
C LEU A 60 7.58 1.37 -8.19
N TYR A 61 8.42 1.29 -7.15
CA TYR A 61 9.41 2.35 -6.97
C TYR A 61 10.56 2.19 -7.95
N THR A 62 11.12 0.99 -8.07
CA THR A 62 12.30 0.89 -8.94
C THR A 62 11.91 0.80 -10.41
N HIS A 63 10.67 0.44 -10.74
CA HIS A 63 10.21 0.67 -12.11
C HIS A 63 10.17 2.16 -12.44
N PHE A 64 10.14 3.01 -11.43
CA PHE A 64 10.26 4.45 -11.64
C PHE A 64 11.69 4.93 -11.51
N ALA A 65 12.49 4.25 -10.67
CA ALA A 65 13.86 4.67 -10.42
C ALA A 65 14.67 4.66 -11.70
N GLN A 66 14.41 3.68 -12.58
CA GLN A 66 15.13 3.58 -13.84
C GLN A 66 14.44 4.35 -14.95
N ASN A 67 13.14 4.13 -15.20
CA ASN A 67 12.44 4.88 -16.24
C ASN A 67 12.50 6.40 -16.07
N SER A 68 12.99 6.91 -14.94
CA SER A 68 13.17 8.35 -14.89
C SER A 68 14.60 8.74 -15.27
N GLU A 69 15.58 7.96 -14.84
CA GLU A 69 16.94 8.20 -15.31
C GLU A 69 17.18 7.61 -16.70
N GLN A 70 16.19 6.94 -17.29
CA GLN A 70 16.36 6.36 -18.61
C GLN A 70 15.50 6.98 -19.69
N LEU A 71 14.61 7.91 -19.35
CA LEU A 71 13.88 8.66 -20.36
C LEU A 71 14.19 10.15 -20.29
N LEU A 72 15.02 10.56 -19.34
CA LEU A 72 15.37 11.96 -19.12
C LEU A 72 16.88 12.06 -18.91
N PRO A 73 17.67 11.70 -19.93
CA PRO A 73 19.11 11.49 -19.70
C PRO A 73 19.84 12.74 -19.23
N GLU A 74 19.80 13.79 -20.04
CA GLU A 74 20.43 15.04 -19.63
C GLU A 74 19.77 15.60 -18.39
N SER A 75 18.46 15.38 -18.22
CA SER A 75 17.73 15.96 -17.09
C SER A 75 18.32 15.52 -15.75
N ASN A 76 17.97 16.26 -14.71
CA ASN A 76 18.40 15.97 -13.35
C ASN A 76 17.45 14.98 -12.69
N GLN A 77 17.88 14.45 -11.55
CA GLN A 77 17.14 13.41 -10.86
C GLN A 77 16.83 13.84 -9.44
N VAL A 78 15.61 13.57 -9.01
CA VAL A 78 15.16 13.88 -7.66
C VAL A 78 15.26 12.58 -6.87
N GLU A 79 16.40 12.38 -6.20
CA GLU A 79 16.62 11.29 -5.25
C GLU A 79 16.64 9.89 -5.87
N PHE A 80 15.82 9.66 -6.92
CA PHE A 80 15.54 8.32 -7.49
C PHE A 80 16.79 7.43 -7.66
N ILE B 15 21.55 20.50 -52.73
CA ILE B 15 22.64 19.83 -53.41
C ILE B 15 22.93 18.50 -52.70
N GLN B 16 23.91 18.48 -51.79
CA GLN B 16 24.19 17.33 -50.95
C GLN B 16 23.64 17.47 -49.54
N GLN B 17 23.24 18.68 -49.13
CA GLN B 17 22.64 18.86 -47.83
C GLN B 17 21.12 18.90 -47.88
N GLN B 18 20.54 18.81 -49.08
CA GLN B 18 19.22 18.22 -49.18
C GLN B 18 19.23 16.75 -48.79
N ILE B 19 20.43 16.19 -48.56
CA ILE B 19 20.58 14.82 -48.14
C ILE B 19 21.03 14.73 -46.68
N GLN B 20 21.70 15.76 -46.15
CA GLN B 20 21.97 15.74 -44.73
C GLN B 20 20.73 16.11 -43.93
N LEU B 21 19.93 17.03 -44.44
CA LEU B 21 18.67 17.35 -43.78
C LEU B 21 17.71 16.17 -43.85
N LYS B 22 17.47 15.61 -45.05
CA LYS B 22 16.44 14.58 -45.19
C LYS B 22 16.68 13.42 -44.23
N SER B 23 17.95 13.12 -43.94
CA SER B 23 18.26 12.07 -42.99
C SER B 23 18.20 12.55 -41.54
N GLU B 24 18.44 13.84 -41.30
CA GLU B 24 18.26 14.38 -39.95
C GLU B 24 16.78 14.33 -39.53
N LEU B 25 15.88 14.60 -40.47
CA LEU B 25 14.45 14.44 -40.22
C LEU B 25 14.11 13.01 -39.84
N ALA B 26 14.41 12.07 -40.73
CA ALA B 26 14.13 10.66 -40.45
C ALA B 26 14.68 10.21 -39.10
N SER B 27 15.72 10.89 -38.60
CA SER B 27 16.36 10.54 -37.35
C SER B 27 15.63 11.15 -36.17
N ALA B 28 15.23 12.40 -36.30
CA ALA B 28 14.31 13.01 -35.35
C ALA B 28 12.97 12.28 -35.35
N GLU B 29 12.41 12.02 -36.53
CA GLU B 29 11.06 11.48 -36.61
C GLU B 29 10.97 10.06 -36.06
N ALA B 30 12.04 9.27 -36.17
CA ALA B 30 12.02 7.92 -35.61
C ALA B 30 12.32 7.91 -34.12
N LYS B 31 12.99 8.94 -33.61
CA LYS B 31 13.34 8.95 -32.21
C LYS B 31 12.23 9.55 -31.36
N GLU B 33 9.46 8.94 -32.13
CA GLU B 33 8.62 7.77 -32.22
C GLU B 33 9.02 6.64 -31.26
N GLU B 34 10.30 6.27 -31.24
CA GLU B 34 10.72 5.27 -30.27
C GLU B 34 10.57 5.80 -28.84
N GLN B 35 10.68 7.11 -28.66
CA GLN B 35 10.38 7.69 -27.35
C GLN B 35 8.91 7.50 -26.98
N LYS B 36 8.02 7.36 -27.97
CA LYS B 36 6.59 7.30 -27.68
C LYS B 36 6.18 5.91 -27.23
N GLN B 37 6.75 4.88 -27.82
CA GLN B 37 6.43 3.52 -27.40
C GLN B 37 7.36 3.01 -26.30
N GLN B 38 8.34 3.80 -25.84
CA GLN B 38 8.96 3.53 -24.55
C GLN B 38 8.16 4.19 -23.44
N LEU B 39 7.73 5.43 -23.66
CA LEU B 39 6.74 6.04 -22.79
C LEU B 39 5.43 5.27 -22.80
N GLU B 40 5.14 4.53 -23.86
CA GLU B 40 3.98 3.65 -23.81
C GLU B 40 4.23 2.45 -22.91
N ARG B 41 5.37 1.79 -23.09
CA ARG B 41 5.71 0.65 -22.25
C ARG B 41 5.95 1.06 -20.80
N HIS B 42 6.29 2.32 -20.54
CA HIS B 42 6.41 2.77 -19.15
C HIS B 42 5.05 2.88 -18.47
N PHE B 43 3.97 3.01 -19.24
CA PHE B 43 2.63 3.06 -18.68
C PHE B 43 1.99 1.69 -18.54
N GLU B 44 2.12 0.83 -19.55
CA GLU B 44 1.60 -0.53 -19.41
C GLU B 44 2.13 -1.20 -18.14
N GLN B 45 3.36 -0.89 -17.75
CA GLN B 45 4.00 -1.57 -16.65
C GLN B 45 3.73 -0.88 -15.33
N SER B 46 3.47 0.42 -15.36
CA SER B 46 2.99 1.09 -14.16
C SER B 46 1.56 0.64 -13.86
N ALA B 47 0.65 0.83 -14.82
CA ALA B 47 -0.77 0.55 -14.59
C ALA B 47 -1.02 -0.87 -14.12
N ASN B 48 -0.08 -1.79 -14.33
CA ASN B 48 -0.20 -3.14 -13.81
C ASN B 48 0.61 -3.36 -12.53
N LEU B 49 1.43 -2.39 -12.12
CA LEU B 49 2.19 -2.52 -10.89
C LEU B 49 1.48 -1.93 -9.68
N LEU B 50 0.62 -0.92 -9.89
CA LEU B 50 -0.24 -0.48 -8.81
C LEU B 50 -1.57 -1.25 -8.75
N GLU B 51 -1.91 -2.02 -9.79
CA GLU B 51 -2.94 -3.05 -9.67
C GLU B 51 -2.36 -4.34 -9.09
N ASN B 52 -1.09 -4.34 -8.73
CA ASN B 52 -0.57 -5.30 -7.79
C ASN B 52 -0.74 -4.80 -6.35
N ALA B 54 -2.96 -2.46 -5.46
CA ALA B 54 -4.39 -2.51 -5.21
C ALA B 54 -4.82 -3.92 -4.81
N GLU B 55 -4.22 -4.94 -5.43
CA GLU B 55 -4.49 -6.31 -5.03
C GLU B 55 -4.12 -6.51 -3.56
N ASP B 56 -2.92 -6.05 -3.18
CA ASP B 56 -2.45 -6.21 -1.81
C ASP B 56 -3.34 -5.50 -0.81
N TYR B 57 -3.71 -4.24 -1.12
CA TYR B 57 -4.56 -3.47 -0.22
C TYR B 57 -5.84 -4.22 0.09
N LYS B 58 -6.59 -4.62 -0.95
CA LYS B 58 -7.86 -5.30 -0.73
C LYS B 58 -7.69 -6.47 0.21
N LYS B 59 -6.59 -7.22 0.08
CA LYS B 59 -6.34 -8.36 0.96
C LYS B 59 -6.17 -7.91 2.41
N LEU B 60 -5.25 -6.98 2.65
CA LEU B 60 -4.98 -6.48 4.00
C LEU B 60 -6.24 -5.91 4.64
N TYR B 61 -7.07 -5.22 3.86
CA TYR B 61 -8.30 -4.65 4.41
C TYR B 61 -9.28 -5.75 4.82
N THR B 62 -9.64 -6.66 3.91
CA THR B 62 -10.60 -7.68 4.30
C THR B 62 -10.07 -8.57 5.43
N HIS B 63 -8.74 -8.68 5.60
CA HIS B 63 -8.20 -9.37 6.77
C HIS B 63 -8.37 -8.55 8.04
N PHE B 64 -8.59 -7.24 7.92
CA PHE B 64 -8.92 -6.44 9.09
C PHE B 64 -10.41 -6.44 9.36
N ALA B 65 -11.24 -6.34 8.31
CA ALA B 65 -12.68 -6.50 8.50
C ALA B 65 -13.02 -7.83 9.16
N GLN B 66 -12.54 -8.94 8.59
CA GLN B 66 -12.82 -10.28 9.08
C GLN B 66 -11.98 -10.65 10.32
N ASN B 67 -11.18 -9.71 10.85
CA ASN B 67 -10.55 -9.87 12.16
C ASN B 67 -10.85 -8.74 13.13
N SER B 68 -11.53 -7.67 12.71
CA SER B 68 -12.16 -6.78 13.69
C SER B 68 -13.58 -7.23 14.02
N GLU B 69 -14.29 -7.83 13.05
CA GLU B 69 -15.63 -8.34 13.34
C GLU B 69 -15.57 -9.58 14.23
N GLN B 70 -14.60 -10.47 13.97
CA GLN B 70 -14.51 -11.73 14.70
C GLN B 70 -13.78 -11.60 16.03
N LEU B 71 -13.22 -10.43 16.36
CA LEU B 71 -12.50 -10.26 17.62
C LEU B 71 -13.20 -9.34 18.61
N LEU B 72 -14.24 -8.62 18.20
CA LEU B 72 -14.77 -7.51 18.96
C LEU B 72 -16.29 -7.45 18.75
N PRO B 73 -17.02 -6.64 19.56
CA PRO B 73 -18.49 -6.61 19.43
C PRO B 73 -19.02 -5.43 18.60
N GLU B 74 -18.70 -4.20 18.99
CA GLU B 74 -18.95 -2.97 18.21
C GLU B 74 -18.69 -1.75 19.09
N VAL B 78 -14.26 -1.70 13.70
CA VAL B 78 -15.73 -1.65 13.60
C VAL B 78 -16.22 -0.51 12.69
N GLU B 79 -15.62 0.67 12.82
CA GLU B 79 -16.21 1.87 12.23
C GLU B 79 -16.14 1.82 10.70
N PHE B 80 -14.94 1.68 10.15
CA PHE B 80 -14.74 1.61 8.70
C PHE B 80 -15.37 0.35 8.11
N PHE B 81 -15.09 -0.80 8.72
CA PHE B 81 -15.38 -2.08 8.09
C PHE B 81 -16.89 -2.38 8.06
N LYS B 82 -17.30 -3.09 7.00
CA LYS B 82 -18.69 -3.54 6.82
C LYS B 82 -18.76 -4.59 5.69
N ILE C 15 17.10 23.41 -56.52
CA ILE C 15 16.70 22.69 -55.31
C ILE C 15 16.45 23.69 -54.17
N GLN C 16 15.19 23.92 -53.81
CA GLN C 16 14.92 24.79 -52.68
C GLN C 16 13.61 24.42 -51.99
N GLN C 17 13.36 23.12 -51.86
CA GLN C 17 12.46 22.59 -50.83
C GLN C 17 13.27 22.24 -49.58
N GLN C 18 14.22 23.11 -49.28
CA GLN C 18 15.04 23.02 -48.08
C GLN C 18 14.49 23.88 -46.96
N ILE C 19 13.71 24.91 -47.30
CA ILE C 19 12.97 25.64 -46.28
C ILE C 19 12.05 24.68 -45.51
N GLN C 20 11.32 23.82 -46.24
CA GLN C 20 10.40 22.88 -45.59
C GLN C 20 11.12 21.90 -44.69
N LEU C 21 12.23 21.33 -45.17
CA LEU C 21 12.97 20.40 -44.32
C LEU C 21 13.44 21.10 -43.04
N LYS C 22 14.01 22.29 -43.15
CA LYS C 22 14.60 22.92 -41.99
C LYS C 22 13.56 23.42 -40.98
N SER C 23 12.29 23.46 -41.38
CA SER C 23 11.21 23.83 -40.46
C SER C 23 10.55 22.60 -39.82
N GLU C 24 10.29 21.56 -40.61
CA GLU C 24 9.95 20.26 -40.02
C GLU C 24 10.98 19.80 -38.99
N LEU C 25 12.21 20.29 -39.08
CA LEU C 25 13.24 19.89 -38.12
C LEU C 25 13.27 20.81 -36.92
N ALA C 26 12.88 22.08 -37.07
CA ALA C 26 12.75 22.92 -35.87
C ALA C 26 11.49 22.59 -35.08
N SER C 27 10.51 21.90 -35.69
CA SER C 27 9.19 21.69 -35.13
C SER C 27 9.07 20.34 -34.43
N ALA C 28 9.27 19.26 -35.17
CA ALA C 28 9.43 17.95 -34.55
C ALA C 28 10.41 18.02 -33.39
N GLU C 29 11.47 18.82 -33.53
CA GLU C 29 12.44 18.98 -32.45
C GLU C 29 11.87 19.77 -31.28
N ALA C 30 10.89 20.65 -31.54
CA ALA C 30 10.20 21.36 -30.47
C ALA C 30 9.24 20.45 -29.70
N LYS C 31 8.45 19.64 -30.43
CA LYS C 31 7.62 18.62 -29.82
C LYS C 31 8.38 17.82 -28.77
N GLU C 33 10.96 18.67 -27.26
CA GLU C 33 11.34 19.55 -26.18
C GLU C 33 10.19 19.80 -25.22
N GLU C 34 8.95 19.61 -25.68
CA GLU C 34 7.77 19.79 -24.85
C GLU C 34 7.31 18.47 -24.22
N GLN C 35 7.34 17.38 -24.98
CA GLN C 35 7.22 16.06 -24.37
C GLN C 35 8.35 15.79 -23.40
N LYS C 36 9.44 16.57 -23.44
CA LYS C 36 10.45 16.46 -22.39
C LYS C 36 10.08 17.29 -21.17
N GLN C 37 9.32 18.37 -21.37
CA GLN C 37 8.77 19.12 -20.24
C GLN C 37 7.79 18.26 -19.44
N GLN C 38 6.99 17.46 -20.14
CA GLN C 38 5.90 16.72 -19.53
C GLN C 38 6.40 15.46 -18.82
N LEU C 39 7.43 14.85 -19.37
CA LEU C 39 8.06 13.71 -18.72
C LEU C 39 8.88 14.15 -17.51
N GLU C 40 9.26 15.43 -17.42
CA GLU C 40 9.91 15.89 -16.20
C GLU C 40 8.86 16.11 -15.11
N ARG C 41 7.76 16.80 -15.48
CA ARG C 41 6.63 16.94 -14.58
C ARG C 41 6.15 15.59 -14.07
N HIS C 42 5.86 14.66 -14.99
CA HIS C 42 5.24 13.40 -14.63
C HIS C 42 6.06 12.64 -13.60
N PHE C 43 7.39 12.62 -13.74
CA PHE C 43 8.20 11.87 -12.79
C PHE C 43 8.48 12.64 -11.49
N GLU C 44 8.53 13.96 -11.52
CA GLU C 44 8.85 14.67 -10.28
C GLU C 44 7.67 14.66 -9.32
N GLN C 45 6.43 14.64 -9.83
CA GLN C 45 5.27 14.46 -8.95
C GLN C 45 4.76 13.03 -8.94
N SER C 46 5.33 12.15 -9.74
CA SER C 46 5.21 10.74 -9.42
C SER C 46 6.07 10.38 -8.23
N ALA C 47 7.09 11.19 -7.94
CA ALA C 47 7.97 10.90 -6.81
C ALA C 47 7.28 11.22 -5.49
N ASN C 48 6.90 12.48 -5.29
CA ASN C 48 6.32 12.88 -4.02
C ASN C 48 4.99 12.17 -3.76
N LEU C 49 4.25 11.79 -4.82
CA LEU C 49 3.06 10.96 -4.63
C LEU C 49 3.44 9.55 -4.20
N LEU C 50 4.53 9.01 -4.76
CA LEU C 50 5.05 7.74 -4.29
C LEU C 50 5.55 7.87 -2.85
N GLU C 51 6.40 8.86 -2.58
CA GLU C 51 7.00 9.00 -1.26
C GLU C 51 5.94 9.13 -0.15
N ASN C 52 4.72 9.53 -0.50
CA ASN C 52 3.62 9.55 0.45
C ASN C 52 3.25 8.13 0.89
N ALA C 54 4.85 5.48 0.61
CA ALA C 54 5.98 4.95 1.37
C ALA C 54 5.87 5.26 2.86
N GLU C 55 5.39 6.46 3.21
CA GLU C 55 5.42 6.88 4.61
C GLU C 55 4.18 6.42 5.36
N ASP C 56 3.06 6.28 4.65
CA ASP C 56 1.93 5.55 5.21
C ASP C 56 2.33 4.13 5.58
N TYR C 57 3.09 3.45 4.72
CA TYR C 57 3.52 2.10 5.01
C TYR C 57 4.25 2.03 6.35
N LYS C 58 5.39 2.72 6.51
CA LYS C 58 6.07 2.44 7.77
C LYS C 58 5.35 3.03 8.99
N LYS C 59 4.31 3.83 8.78
CA LYS C 59 3.37 4.17 9.84
C LYS C 59 2.50 2.96 10.19
N LEU C 60 1.65 2.55 9.23
CA LEU C 60 0.91 1.29 9.32
C LEU C 60 1.80 0.08 9.58
N TYR C 61 3.11 0.18 9.34
CA TYR C 61 3.92 -0.97 9.72
C TYR C 61 4.21 -0.96 11.20
N THR C 62 4.72 0.15 11.73
CA THR C 62 5.21 0.15 13.11
C THR C 62 4.05 0.01 14.09
N HIS C 63 2.90 0.58 13.74
CA HIS C 63 1.65 0.30 14.41
C HIS C 63 1.45 -1.19 14.68
N PHE C 64 1.53 -2.01 13.64
CA PHE C 64 1.56 -3.47 13.76
C PHE C 64 2.86 -4.00 14.28
N ALA C 65 3.77 -3.15 14.73
CA ALA C 65 4.88 -3.64 15.53
C ALA C 65 4.69 -3.32 16.99
N GLN C 66 4.03 -2.21 17.31
CA GLN C 66 3.71 -1.86 18.69
C GLN C 66 2.54 -2.70 19.17
N ASN C 67 1.38 -2.54 18.55
CA ASN C 67 0.24 -3.39 18.87
C ASN C 67 0.54 -4.87 18.67
N SER C 68 1.61 -5.23 17.95
CA SER C 68 1.98 -6.64 17.92
C SER C 68 2.78 -7.08 19.13
N GLU C 69 3.33 -6.17 19.92
CA GLU C 69 3.99 -6.57 21.16
C GLU C 69 3.44 -5.89 22.41
N GLN C 70 2.61 -4.85 22.28
CA GLN C 70 1.86 -4.32 23.41
C GLN C 70 0.55 -5.07 23.64
N LEU C 71 0.18 -5.99 22.75
CA LEU C 71 -1.05 -6.76 22.90
C LEU C 71 -0.79 -8.26 22.90
N LEU C 72 0.45 -8.68 23.07
CA LEU C 72 0.72 -10.07 22.73
C LEU C 72 1.93 -10.57 23.50
N PRO C 73 1.88 -11.80 24.04
CA PRO C 73 3.04 -12.34 24.77
C PRO C 73 4.30 -12.33 23.92
N GLU C 74 5.40 -12.67 24.59
CA GLU C 74 6.74 -12.67 24.00
C GLU C 74 6.99 -13.86 23.08
N SER C 75 6.06 -14.82 23.04
CA SER C 75 6.28 -16.08 22.36
C SER C 75 5.90 -16.05 20.88
N ASN C 76 5.22 -15.01 20.42
CA ASN C 76 5.00 -14.79 19.01
C ASN C 76 5.91 -13.65 18.53
N GLN C 77 7.21 -13.94 18.55
CA GLN C 77 8.21 -13.08 17.90
C GLN C 77 8.10 -13.33 16.40
N VAL C 78 7.06 -12.76 15.80
CA VAL C 78 6.91 -12.83 14.35
C VAL C 78 8.10 -12.13 13.72
N GLU C 79 8.84 -12.86 12.88
CA GLU C 79 10.10 -12.35 12.31
C GLU C 79 9.95 -10.93 11.77
N PHE C 80 8.80 -10.64 11.12
CA PHE C 80 8.66 -9.41 10.35
C PHE C 80 8.87 -8.18 11.21
N PHE C 81 8.49 -8.23 12.47
CA PHE C 81 8.61 -7.08 13.35
C PHE C 81 9.90 -7.21 14.17
N LYS C 82 10.66 -6.11 14.23
CA LYS C 82 12.08 -6.04 14.65
C LYS C 82 12.57 -7.15 15.57
N GLY D 13 -11.93 -26.27 50.33
CA GLY D 13 -12.84 -25.33 50.96
C GLY D 13 -14.23 -25.33 50.36
N ASN D 14 -15.23 -24.94 51.15
CA ASN D 14 -16.60 -24.81 50.69
C ASN D 14 -17.02 -23.35 50.52
N ILE D 15 -16.42 -22.45 51.29
CA ILE D 15 -16.62 -21.04 51.06
C ILE D 15 -15.32 -20.29 50.82
N GLN D 16 -14.17 -20.86 51.22
CA GLN D 16 -12.89 -20.32 50.77
C GLN D 16 -12.71 -20.57 49.28
N GLN D 17 -13.13 -21.74 48.80
CA GLN D 17 -13.21 -21.98 47.36
C GLN D 17 -14.11 -20.95 46.67
N GLN D 18 -15.21 -20.55 47.32
CA GLN D 18 -16.13 -19.57 46.76
C GLN D 18 -15.54 -18.15 46.76
N ILE D 19 -14.93 -17.70 47.86
CA ILE D 19 -14.34 -16.36 47.85
C ILE D 19 -13.10 -16.33 46.96
N GLN D 20 -12.52 -17.48 46.67
CA GLN D 20 -11.44 -17.55 45.68
C GLN D 20 -12.00 -17.30 44.27
N LEU D 21 -12.91 -18.15 43.82
CA LEU D 21 -13.49 -18.04 42.49
C LEU D 21 -13.92 -16.60 42.18
N LYS D 22 -14.76 -16.01 43.03
CA LYS D 22 -15.25 -14.67 42.76
C LYS D 22 -14.13 -13.67 42.50
N SER D 23 -12.92 -13.96 42.99
CA SER D 23 -11.78 -13.07 42.90
C SER D 23 -10.87 -13.40 41.73
N GLU D 24 -10.87 -14.65 41.27
CA GLU D 24 -10.21 -14.93 40.00
C GLU D 24 -11.13 -14.69 38.83
N LEU D 25 -12.42 -14.54 39.06
CA LEU D 25 -13.34 -14.20 37.98
C LEU D 25 -13.49 -12.72 37.84
N ALA D 26 -13.13 -11.96 38.85
CA ALA D 26 -13.14 -10.52 38.71
C ALA D 26 -11.86 -10.02 38.06
N SER D 27 -10.78 -10.78 38.23
CA SER D 27 -9.48 -10.44 37.67
C SER D 27 -9.40 -10.90 36.23
N ALA D 28 -9.87 -12.13 35.98
CA ALA D 28 -10.07 -12.56 34.61
C ALA D 28 -10.93 -11.55 33.87
N GLU D 29 -12.12 -11.24 34.40
CA GLU D 29 -13.03 -10.38 33.65
C GLU D 29 -12.45 -8.99 33.39
N ALA D 30 -11.59 -8.49 34.29
CA ALA D 30 -11.00 -7.16 34.11
C ALA D 30 -9.93 -7.16 33.03
N LYS D 31 -9.20 -8.26 32.89
CA LYS D 31 -8.24 -8.42 31.82
C LYS D 31 -8.93 -8.43 30.45
N GLU D 33 -11.69 -7.17 29.67
CA GLU D 33 -12.38 -5.90 29.41
C GLU D 33 -11.44 -4.84 28.86
N GLU D 34 -10.26 -4.71 29.44
CA GLU D 34 -9.42 -3.61 29.04
C GLU D 34 -8.38 -4.02 28.01
N GLN D 35 -8.16 -5.33 27.82
CA GLN D 35 -7.59 -5.85 26.59
C GLN D 35 -8.57 -5.72 25.42
N LYS D 36 -9.87 -5.75 25.70
CA LYS D 36 -10.85 -5.30 24.71
C LYS D 36 -10.72 -3.80 24.45
N GLN D 37 -10.26 -3.03 25.45
CA GLN D 37 -10.12 -1.60 25.29
C GLN D 37 -9.04 -1.26 24.27
N GLN D 38 -8.06 -2.15 24.12
CA GLN D 38 -6.92 -1.83 23.30
C GLN D 38 -6.90 -2.57 21.98
N LEU D 39 -7.57 -3.71 21.90
CA LEU D 39 -7.95 -4.28 20.61
C LEU D 39 -8.78 -3.29 19.80
N GLU D 40 -9.62 -2.50 20.44
CA GLU D 40 -10.31 -1.50 19.65
C GLU D 40 -9.55 -0.19 19.56
N ARG D 41 -8.51 0.01 20.39
CA ARG D 41 -7.56 1.06 20.05
C ARG D 41 -6.70 0.67 18.86
N HIS D 42 -6.67 -0.62 18.53
CA HIS D 42 -5.90 -1.19 17.43
C HIS D 42 -6.65 -1.06 16.11
N PHE D 43 -7.84 -1.68 16.03
CA PHE D 43 -8.65 -1.62 14.81
C PHE D 43 -9.23 -0.24 14.55
N GLU D 44 -9.02 0.74 15.42
CA GLU D 44 -9.41 2.10 15.07
C GLU D 44 -8.24 2.83 14.41
N GLN D 45 -7.04 2.67 14.95
CA GLN D 45 -5.85 3.19 14.27
C GLN D 45 -5.64 2.45 12.96
N SER D 46 -5.92 1.14 12.94
CA SER D 46 -5.75 0.35 11.73
C SER D 46 -6.60 0.86 10.57
N ALA D 47 -7.90 1.08 10.81
CA ALA D 47 -8.84 1.25 9.71
C ALA D 47 -8.60 2.53 8.95
N ASN D 48 -8.31 3.61 9.67
CA ASN D 48 -8.12 4.89 8.99
C ASN D 48 -6.70 5.08 8.48
N LEU D 49 -5.72 4.32 8.99
CA LEU D 49 -4.41 4.26 8.37
C LEU D 49 -4.48 3.58 7.01
N LEU D 50 -5.34 2.57 6.89
CA LEU D 50 -5.69 2.05 5.57
C LEU D 50 -6.32 3.14 4.72
N GLU D 51 -7.27 3.90 5.29
CA GLU D 51 -7.90 4.99 4.56
C GLU D 51 -6.89 6.05 4.13
N ASN D 52 -5.72 6.09 4.77
CA ASN D 52 -4.62 6.93 4.31
C ASN D 52 -4.06 6.40 3.00
N ALA D 54 -5.24 4.04 1.08
CA ALA D 54 -6.24 3.95 0.02
C ALA D 54 -6.47 5.29 -0.66
N GLU D 55 -6.12 6.40 -0.01
CA GLU D 55 -6.26 7.70 -0.65
C GLU D 55 -4.96 8.18 -1.26
N ASP D 56 -3.83 7.80 -0.67
CA ASP D 56 -2.55 7.99 -1.32
C ASP D 56 -2.44 7.13 -2.58
N TYR D 57 -3.01 5.94 -2.58
CA TYR D 57 -3.10 5.17 -3.81
C TYR D 57 -4.03 5.86 -4.79
N LYS D 58 -5.28 6.11 -4.38
CA LYS D 58 -6.29 6.54 -5.34
C LYS D 58 -5.95 7.86 -6.01
N LYS D 59 -4.93 8.59 -5.54
CA LYS D 59 -4.45 9.73 -6.32
C LYS D 59 -3.14 9.44 -7.05
N LEU D 60 -2.36 8.46 -6.60
CA LEU D 60 -1.28 7.96 -7.45
C LEU D 60 -1.85 7.31 -8.70
N TYR D 61 -2.99 6.63 -8.57
CA TYR D 61 -3.65 6.06 -9.74
C TYR D 61 -4.17 7.15 -10.66
N THR D 62 -4.71 8.22 -10.11
CA THR D 62 -5.27 9.26 -10.96
C THR D 62 -4.17 10.01 -11.69
N HIS D 63 -3.04 10.26 -11.01
CA HIS D 63 -1.91 10.89 -11.66
C HIS D 63 -1.45 10.12 -12.89
N PHE D 64 -1.57 8.79 -12.87
CA PHE D 64 -1.19 7.95 -13.99
C PHE D 64 -2.28 7.94 -15.07
N ALA D 65 -3.55 7.91 -14.67
CA ALA D 65 -4.60 7.94 -15.66
C ALA D 65 -4.69 9.30 -16.36
N GLN D 66 -4.20 10.37 -15.72
CA GLN D 66 -4.25 11.71 -16.31
C GLN D 66 -3.04 12.00 -17.18
N ASN D 67 -1.84 11.66 -16.71
CA ASN D 67 -0.70 11.66 -17.61
C ASN D 67 -0.81 10.58 -18.69
N SER D 68 -1.99 9.96 -18.74
CA SER D 68 -2.30 8.98 -19.80
C SER D 68 -2.79 9.76 -21.02
N GLU D 69 -3.18 11.03 -20.84
CA GLU D 69 -3.41 11.84 -22.03
C GLU D 69 -2.11 12.18 -22.74
N GLN D 70 -0.98 11.72 -22.23
CA GLN D 70 0.31 11.91 -22.88
C GLN D 70 0.56 10.86 -23.94
N LEU D 71 -0.51 10.39 -24.58
CA LEU D 71 -0.41 9.43 -25.67
C LEU D 71 -1.64 9.61 -26.56
N LEU D 72 -1.61 8.97 -27.72
CA LEU D 72 -2.80 8.90 -28.55
C LEU D 72 -3.85 8.01 -27.86
N PRO D 73 -5.14 8.36 -27.97
CA PRO D 73 -6.18 7.50 -27.35
C PRO D 73 -6.18 6.06 -27.84
N GLU D 74 -5.38 5.72 -28.86
CA GLU D 74 -5.24 4.34 -29.30
C GLU D 74 -4.06 3.65 -28.62
N SER D 75 -2.90 4.32 -28.58
CA SER D 75 -1.68 3.70 -28.06
C SER D 75 -1.70 3.50 -26.54
N ASN D 76 -2.70 4.02 -25.83
CA ASN D 76 -2.91 3.65 -24.42
C ASN D 76 -4.41 3.72 -24.16
N GLN D 77 -5.06 2.55 -24.19
CA GLN D 77 -6.44 2.39 -23.75
C GLN D 77 -6.55 1.74 -22.38
N VAL D 78 -5.67 0.81 -22.04
CA VAL D 78 -5.61 0.27 -20.68
C VAL D 78 -5.22 1.41 -19.73
N GLU D 79 -5.85 1.46 -18.55
CA GLU D 79 -6.95 0.62 -18.06
C GLU D 79 -8.25 0.85 -18.83
#